data_3PDT
#
_entry.id   3PDT
#
_cell.length_a   77.062
_cell.length_b   83.681
_cell.length_c   44.684
_cell.angle_alpha   90.00
_cell.angle_beta   90.00
_cell.angle_gamma   90.00
#
_symmetry.space_group_name_H-M   'P 21 21 2'
#
loop_
_entity.id
_entity.type
_entity.pdbx_description
1 polymer 'Myosin heavy chain kinase A'
2 non-polymer 'MAGNESIUM ION'
3 non-polymer 'ZINC ION'
4 non-polymer 'PHOSPHATE ION'
5 non-polymer "ADENOSINE-5'-DIPHOSPHATE"
6 water water
#
_entity_poly.entity_id   1
_entity_poly.type   'polypeptide(L)'
_entity_poly.pdbx_seq_one_letter_code
;MGGHHHHHHGENLYFQGISSETGEMGILWEFDPIINKWIRLSMKLKVERKPFAEGALREAYHTVSLGVGTDENYPLGTTT
KLFPPIEMISPISKNNEAMTQLKNGTKFVLKLYKKEAEQQASRELYFEDVKMQMVCRDWGNKFNQKKPPKKIEFLMSWVV
ELIDRSPSSNGQPILCSIEPLLVGEFKKNNSNYGAVLTNRSTPQAFSHFTYELSNKQMIVVDIQGVDDLYTDPQIHTPDG
KGFGLGNLGKAGINKFITTHKCNAVCALLDLDVKL
;
_entity_poly.pdbx_strand_id   A
#
# COMPACT_ATOMS: atom_id res chain seq x y z
N THR A 22 2.86 -26.48 -7.79
CA THR A 22 1.61 -26.94 -7.09
C THR A 22 0.84 -25.81 -6.39
N GLY A 23 1.56 -24.82 -5.88
CA GLY A 23 0.93 -23.71 -5.17
C GLY A 23 0.93 -23.88 -3.65
N GLU A 24 0.49 -22.85 -2.95
CA GLU A 24 0.48 -22.82 -1.50
C GLU A 24 -0.69 -22.00 -1.00
N MET A 25 -1.11 -22.27 0.23
CA MET A 25 -2.24 -21.57 0.87
C MET A 25 -1.80 -20.30 1.57
N GLY A 26 -2.73 -19.36 1.70
CA GLY A 26 -2.49 -18.15 2.50
C GLY A 26 -3.76 -17.65 3.14
N ILE A 27 -3.61 -17.01 4.29
CA ILE A 27 -4.67 -16.21 4.88
C ILE A 27 -4.55 -14.82 4.28
N LEU A 28 -5.64 -14.31 3.73
CA LEU A 28 -5.64 -13.06 3.00
C LEU A 28 -6.41 -11.97 3.77
N TRP A 29 -5.78 -10.83 4.01
CA TRP A 29 -6.40 -9.76 4.80
C TRP A 29 -6.62 -8.51 3.95
N GLU A 30 -7.87 -8.04 3.91
CA GLU A 30 -8.27 -6.81 3.23
C GLU A 30 -8.77 -5.77 4.25
N PHE A 31 -8.26 -4.55 4.15
CA PHE A 31 -8.73 -3.47 5.03
C PHE A 31 -9.75 -2.58 4.32
N ASP A 32 -10.86 -2.29 5.00
CA ASP A 32 -11.83 -1.34 4.47
C ASP A 32 -11.97 -0.09 5.36
N PRO A 33 -11.38 1.05 4.92
CA PRO A 33 -11.36 2.24 5.78
C PRO A 33 -12.73 2.76 6.20
N ILE A 34 -13.74 2.57 5.35
CA ILE A 34 -15.04 3.20 5.66
C ILE A 34 -15.76 2.52 6.83
N ILE A 35 -15.48 1.24 7.06
CA ILE A 35 -16.00 0.58 8.25
C ILE A 35 -14.93 0.40 9.33
N ASN A 36 -13.69 0.77 9.00
CA ASN A 36 -12.54 0.65 9.90
C ASN A 36 -12.37 -0.78 10.43
N LYS A 37 -12.46 -1.74 9.53
CA LYS A 37 -12.27 -3.15 9.90
C LYS A 37 -11.49 -3.91 8.83
N TRP A 38 -10.82 -4.97 9.27
CA TRP A 38 -10.19 -5.95 8.41
C TRP A 38 -11.16 -7.07 8.04
N ILE A 39 -11.01 -7.57 6.81
CA ILE A 39 -11.81 -8.66 6.31
C ILE A 39 -10.81 -9.82 6.12
N ARG A 40 -11.15 -11.01 6.64
CA ARG A 40 -10.24 -12.17 6.62
C ARG A 40 -10.73 -13.28 5.66
N LEU A 41 -9.88 -13.60 4.69
CA LEU A 41 -10.18 -14.55 3.62
C LEU A 41 -9.07 -15.58 3.52
N SER A 42 -9.17 -16.47 2.53
CA SER A 42 -8.05 -17.35 2.19
C SER A 42 -7.84 -17.36 0.70
N MET A 43 -6.66 -17.78 0.27
CA MET A 43 -6.40 -17.97 -1.16
C MET A 43 -5.34 -19.02 -1.35
N LYS A 44 -5.28 -19.53 -2.58
CA LYS A 44 -4.17 -20.38 -3.00
C LYS A 44 -3.41 -19.59 -4.04
N LEU A 45 -2.09 -19.65 -3.98
CA LEU A 45 -1.25 -18.90 -4.91
C LEU A 45 0.00 -19.67 -5.32
N LYS A 46 0.60 -19.27 -6.43
CA LYS A 46 1.85 -19.86 -6.88
C LYS A 46 2.87 -18.78 -7.22
N VAL A 47 3.95 -18.72 -6.45
CA VAL A 47 4.93 -17.64 -6.57
C VAL A 47 6.22 -18.13 -7.21
N GLU A 48 6.75 -17.34 -8.13
CA GLU A 48 8.05 -17.63 -8.74
C GLU A 48 9.16 -17.63 -7.68
N ARG A 49 10.17 -18.48 -7.87
CA ARG A 49 11.23 -18.63 -6.88
C ARG A 49 12.13 -17.40 -6.71
N LYS A 50 12.32 -16.66 -7.79
CA LYS A 50 13.20 -15.48 -7.80
C LYS A 50 12.44 -14.19 -8.11
N PRO A 51 12.86 -13.06 -7.50
CA PRO A 51 12.15 -11.79 -7.71
C PRO A 51 12.41 -11.22 -9.10
N PHE A 52 11.45 -10.46 -9.63
CA PHE A 52 11.65 -9.79 -10.93
C PHE A 52 12.13 -8.35 -10.77
N ALA A 53 11.96 -7.80 -9.56
CA ALA A 53 12.34 -6.43 -9.28
C ALA A 53 12.59 -6.26 -7.78
N GLU A 54 13.32 -5.20 -7.42
CA GLU A 54 13.52 -4.89 -6.00
C GLU A 54 13.55 -3.39 -5.76
N GLY A 55 13.21 -3.00 -4.54
CA GLY A 55 13.30 -1.62 -4.11
C GLY A 55 14.25 -1.48 -2.94
N ALA A 56 14.17 -0.34 -2.24
CA ALA A 56 15.03 -0.12 -1.08
C ALA A 56 14.82 -1.15 0.02
N LEU A 57 13.56 -1.55 0.23
CA LEU A 57 13.20 -2.38 1.38
C LEU A 57 12.73 -3.79 1.00
N ARG A 58 12.21 -3.93 -0.23
CA ARG A 58 11.48 -5.15 -0.61
C ARG A 58 11.92 -5.76 -1.93
N GLU A 59 11.59 -7.04 -2.12
CA GLU A 59 11.75 -7.72 -3.40
C GLU A 59 10.36 -8.14 -3.92
N ALA A 60 10.17 -8.04 -5.23
CA ALA A 60 8.86 -8.25 -5.86
C ALA A 60 8.88 -9.53 -6.71
N TYR A 61 7.83 -10.34 -6.56
CA TYR A 61 7.76 -11.65 -7.19
C TYR A 61 6.51 -11.77 -8.04
N HIS A 62 6.65 -12.29 -9.26
CA HIS A 62 5.48 -12.64 -10.07
C HIS A 62 4.76 -13.82 -9.42
N THR A 63 3.43 -13.74 -9.36
CA THR A 63 2.61 -14.73 -8.68
C THR A 63 1.35 -14.94 -9.51
N VAL A 64 0.79 -16.14 -9.46
CA VAL A 64 -0.52 -16.41 -10.04
C VAL A 64 -1.53 -16.88 -8.98
N SER A 65 -2.77 -16.41 -9.07
CA SER A 65 -3.84 -16.88 -8.18
C SER A 65 -4.32 -18.26 -8.61
N LEU A 66 -4.46 -19.17 -7.65
CA LEU A 66 -5.14 -20.45 -7.84
C LEU A 66 -6.53 -20.44 -7.13
N GLY A 67 -7.01 -19.23 -6.81
CA GLY A 67 -8.39 -19.03 -6.33
C GLY A 67 -8.50 -18.40 -4.96
N VAL A 68 -9.57 -17.62 -4.74
CA VAL A 68 -9.87 -16.98 -3.46
C VAL A 68 -11.04 -17.70 -2.79
N GLY A 69 -10.98 -17.82 -1.48
CA GLY A 69 -12.05 -18.45 -0.72
C GLY A 69 -12.27 -17.78 0.62
N THR A 70 -13.05 -18.42 1.48
CA THR A 70 -13.32 -17.89 2.82
C THR A 70 -12.26 -18.35 3.81
N ASP A 71 -12.27 -17.78 5.01
CA ASP A 71 -11.34 -18.20 6.07
C ASP A 71 -11.89 -19.29 7.00
N GLU A 72 -13.04 -19.87 6.64
CA GLU A 72 -13.78 -20.80 7.52
C GLU A 72 -12.97 -22.00 8.01
N ASN A 73 -12.10 -22.55 7.17
CA ASN A 73 -11.27 -23.72 7.55
C ASN A 73 -10.11 -23.42 8.51
N TYR A 74 -9.82 -22.13 8.72
CA TYR A 74 -8.64 -21.70 9.47
C TYR A 74 -8.99 -20.80 10.67
N PRO A 75 -9.53 -21.39 11.75
CA PRO A 75 -10.04 -20.56 12.86
C PRO A 75 -8.97 -19.70 13.55
N LEU A 76 -9.38 -18.51 13.98
CA LEU A 76 -8.50 -17.58 14.70
C LEU A 76 -8.07 -18.09 16.07
N GLY A 77 -9.04 -18.60 16.84
CA GLY A 77 -8.81 -18.95 18.25
C GLY A 77 -8.30 -17.77 19.05
N THR A 78 -7.31 -18.04 19.91
CA THR A 78 -6.45 -17.06 20.62
C THR A 78 -7.07 -15.75 21.18
N THR A 79 -6.19 -14.86 21.66
CA THR A 79 -6.57 -13.63 22.35
C THR A 79 -7.05 -12.58 21.38
N LYS A 81 -3.20 -11.29 22.45
CA LYS A 81 -2.05 -11.35 21.57
C LYS A 81 -2.43 -11.32 20.08
N LEU A 82 -3.73 -11.51 19.80
CA LEU A 82 -4.22 -11.50 18.42
C LEU A 82 -4.06 -10.12 17.77
N PHE A 83 -3.48 -10.12 16.57
CA PHE A 83 -3.39 -8.89 15.77
C PHE A 83 -3.73 -9.14 14.30
N PRO A 84 -4.70 -8.38 13.76
CA PRO A 84 -5.47 -7.32 14.42
C PRO A 84 -6.33 -7.86 15.57
N PRO A 85 -6.64 -7.01 16.57
CA PRO A 85 -7.52 -7.50 17.63
C PRO A 85 -8.92 -7.79 17.09
N ILE A 86 -9.61 -8.72 17.75
CA ILE A 86 -10.89 -9.24 17.28
C ILE A 86 -11.92 -8.14 16.98
N GLU A 87 -11.89 -7.07 17.77
CA GLU A 87 -12.85 -5.96 17.58
C GLU A 87 -12.63 -5.20 16.27
N MET A 88 -11.44 -5.38 15.66
CA MET A 88 -11.07 -4.74 14.39
C MET A 88 -11.30 -5.61 13.16
N ILE A 89 -11.96 -6.75 13.34
CA ILE A 89 -12.19 -7.69 12.24
C ILE A 89 -13.69 -7.83 11.99
N SER A 90 -14.10 -7.69 10.74
CA SER A 90 -15.48 -7.93 10.38
C SER A 90 -15.76 -9.43 10.44
N PRO A 91 -16.88 -9.83 11.07
CA PRO A 91 -17.29 -11.24 11.06
C PRO A 91 -17.92 -11.66 9.72
N ILE A 92 -18.22 -10.69 8.86
CA ILE A 92 -18.79 -10.92 7.53
C ILE A 92 -17.82 -10.44 6.43
N SER A 93 -17.65 -11.26 5.40
CA SER A 93 -16.62 -11.01 4.37
C SER A 93 -17.14 -11.12 2.94
N LYS A 94 -18.46 -11.21 2.80
CA LYS A 94 -19.10 -11.43 1.50
C LYS A 94 -18.79 -10.37 0.45
N ASN A 95 -18.72 -9.11 0.88
CA ASN A 95 -18.34 -8.01 0.00
C ASN A 95 -16.84 -7.69 0.15
N ASN A 96 -16.08 -7.88 -0.93
CA ASN A 96 -14.64 -7.59 -0.93
C ASN A 96 -14.07 -7.38 -2.34
N GLU A 97 -12.86 -6.81 -2.41
CA GLU A 97 -12.19 -6.59 -3.69
C GLU A 97 -11.46 -7.82 -4.17
N ALA A 98 -10.94 -8.59 -3.22
CA ALA A 98 -10.11 -9.76 -3.50
C ALA A 98 -10.79 -10.76 -4.44
N MET A 99 -12.07 -11.04 -4.21
CA MET A 99 -12.82 -12.04 -5.01
C MET A 99 -12.83 -11.75 -6.51
N THR A 100 -12.72 -10.47 -6.86
CA THR A 100 -12.65 -10.06 -8.25
C THR A 100 -11.23 -9.81 -8.71
N GLN A 101 -10.49 -9.02 -7.95
CA GLN A 101 -9.16 -8.57 -8.35
C GLN A 101 -8.09 -9.67 -8.29
N LEU A 102 -8.33 -10.69 -7.46
CA LEU A 102 -7.41 -11.81 -7.34
C LEU A 102 -8.02 -13.15 -7.73
N LYS A 103 -9.05 -13.11 -8.57
CA LYS A 103 -9.73 -14.36 -8.96
C LYS A 103 -8.79 -15.38 -9.65
N ASN A 104 -9.13 -16.66 -9.50
CA ASN A 104 -8.37 -17.76 -10.13
C ASN A 104 -7.81 -17.39 -11.50
N GLY A 105 -6.51 -17.57 -11.67
CA GLY A 105 -5.84 -17.30 -12.93
C GLY A 105 -5.16 -15.93 -13.00
N THR A 106 -5.51 -15.03 -12.08
CA THR A 106 -4.97 -13.65 -12.08
C THR A 106 -3.45 -13.64 -11.83
N LYS A 107 -2.74 -12.88 -12.66
CA LYS A 107 -1.32 -12.63 -12.42
C LYS A 107 -1.23 -11.39 -11.55
N PHE A 108 -0.46 -11.48 -10.48
CA PHE A 108 -0.28 -10.37 -9.54
C PHE A 108 1.12 -10.35 -8.94
N VAL A 109 1.33 -9.50 -7.94
CA VAL A 109 2.66 -9.27 -7.39
C VAL A 109 2.71 -9.56 -5.91
N LEU A 110 3.72 -10.30 -5.48
CA LEU A 110 3.94 -10.58 -4.05
C LEU A 110 5.24 -9.90 -3.61
N LYS A 111 5.20 -9.27 -2.43
CA LYS A 111 6.35 -8.53 -1.94
C LYS A 111 6.78 -8.99 -0.57
N LEU A 112 8.08 -9.24 -0.44
CA LEU A 112 8.71 -9.59 0.84
C LEU A 112 9.74 -8.54 1.23
N TYR A 113 9.83 -8.27 2.53
CA TYR A 113 10.92 -7.45 3.06
C TYR A 113 12.25 -8.17 2.86
N LYS A 114 13.28 -7.41 2.48
CA LYS A 114 14.63 -7.94 2.35
C LYS A 114 15.19 -8.28 3.71
N LYS A 115 16.10 -9.26 3.75
CA LYS A 115 16.69 -9.83 4.97
C LYS A 115 17.34 -8.77 5.87
N GLU A 118 12.59 -9.06 7.60
CA GLU A 118 13.83 -8.59 8.21
C GLU A 118 13.67 -8.19 9.68
N GLN A 119 14.77 -7.70 10.27
CA GLN A 119 14.86 -7.43 11.70
C GLN A 119 13.87 -6.38 12.22
N GLN A 120 13.70 -5.28 11.47
CA GLN A 120 12.87 -4.16 11.94
C GLN A 120 11.37 -4.37 11.70
N ALA A 121 11.02 -5.49 11.07
CA ALA A 121 9.62 -5.81 10.72
C ALA A 121 8.92 -6.67 11.77
N SER A 122 7.75 -6.20 12.21
CA SER A 122 6.88 -6.98 13.08
C SER A 122 5.65 -7.40 12.29
N ARG A 123 4.81 -8.23 12.91
CA ARG A 123 3.53 -8.60 12.30
C ARG A 123 2.71 -7.34 12.01
N GLU A 124 2.66 -6.43 13.00
CA GLU A 124 1.90 -5.18 12.91
C GLU A 124 2.31 -4.27 11.75
N LEU A 125 3.59 -4.31 11.39
CA LEU A 125 4.12 -3.49 10.29
C LEU A 125 3.49 -3.80 8.94
N TYR A 126 3.26 -5.07 8.67
CA TYR A 126 2.66 -5.51 7.41
C TYR A 126 1.24 -4.94 7.28
N PHE A 127 0.49 -5.00 8.38
CA PHE A 127 -0.87 -4.48 8.41
C PHE A 127 -0.86 -2.96 8.30
N GLU A 128 0.09 -2.32 8.99
CA GLU A 128 0.29 -0.88 8.91
C GLU A 128 0.59 -0.45 7.46
N ASP A 129 1.42 -1.22 6.76
CA ASP A 129 1.78 -0.92 5.36
C ASP A 129 0.55 -0.97 4.45
N VAL A 130 -0.27 -2.00 4.64
CA VAL A 130 -1.45 -2.19 3.81
C VAL A 130 -2.50 -1.11 4.13
N LYS A 131 -2.72 -0.84 5.41
CA LYS A 131 -3.63 0.23 5.80
C LYS A 131 -3.22 1.58 5.19
N MET A 132 -1.92 1.85 5.19
CA MET A 132 -1.38 3.07 4.59
C MET A 132 -1.74 3.17 3.12
N GLN A 133 -1.56 2.07 2.37
CA GLN A 133 -1.95 2.09 0.96
C GLN A 133 -3.45 2.39 0.79
N MET A 134 -4.27 1.84 1.68
CA MET A 134 -5.72 2.10 1.66
C MET A 134 -6.06 3.55 1.99
N VAL A 135 -5.34 4.14 2.95
CA VAL A 135 -5.52 5.56 3.25
C VAL A 135 -5.20 6.42 2.02
N CYS A 136 -4.13 6.06 1.30
CA CYS A 136 -3.77 6.77 0.09
C CYS A 136 -4.86 6.65 -0.98
N ARG A 137 -5.50 5.49 -1.08
CA ARG A 137 -6.64 5.30 -1.98
C ARG A 137 -7.76 6.30 -1.69
N ASP A 138 -8.06 6.53 -0.40
CA ASP A 138 -9.05 7.54 -0.02
C ASP A 138 -8.63 8.96 -0.46
N TRP A 139 -7.35 9.29 -0.29
CA TRP A 139 -6.81 10.57 -0.76
C TRP A 139 -6.90 10.74 -2.28
N GLY A 140 -6.63 9.65 -3.00
CA GLY A 140 -6.86 9.63 -4.45
C GLY A 140 -8.29 9.97 -4.80
N ASN A 141 -9.24 9.32 -4.13
CA ASN A 141 -10.67 9.62 -4.38
C ASN A 141 -11.04 11.08 -4.06
N LYS A 142 -10.48 11.59 -2.97
CA LYS A 142 -10.69 12.98 -2.58
C LYS A 142 -10.13 13.97 -3.62
N PHE A 143 -8.93 13.67 -4.13
CA PHE A 143 -8.30 14.45 -5.21
C PHE A 143 -9.15 14.42 -6.48
N ASN A 144 -9.68 13.25 -6.80
CA ASN A 144 -10.52 13.09 -7.99
C ASN A 144 -11.85 13.84 -7.94
N GLN A 145 -12.38 14.03 -6.75
CA GLN A 145 -13.65 14.77 -6.57
C GLN A 145 -13.50 16.25 -6.93
N LYS A 146 -12.26 16.76 -6.94
CA LYS A 146 -11.99 18.14 -7.33
C LYS A 146 -11.96 18.36 -8.85
N LYS A 147 -12.17 17.28 -9.60
CA LYS A 147 -12.15 17.27 -11.08
C LYS A 147 -10.82 17.77 -11.70
N PRO A 148 -9.69 17.17 -11.27
CA PRO A 148 -8.39 17.50 -11.85
C PRO A 148 -8.32 17.07 -13.32
N PRO A 149 -7.38 17.64 -14.11
CA PRO A 149 -7.22 17.27 -15.52
C PRO A 149 -6.96 15.78 -15.70
N LYS A 150 -6.18 15.20 -14.78
CA LYS A 150 -5.93 13.77 -14.80
C LYS A 150 -6.28 13.17 -13.45
N LYS A 151 -7.23 12.25 -13.46
CA LYS A 151 -7.62 11.52 -12.25
C LYS A 151 -6.58 10.47 -11.95
N ILE A 152 -6.45 10.12 -10.67
CA ILE A 152 -5.45 9.14 -10.25
C ILE A 152 -6.10 7.99 -9.50
N GLU A 153 -5.36 6.90 -9.35
CA GLU A 153 -5.83 5.74 -8.60
C GLU A 153 -4.65 5.03 -7.94
N PHE A 154 -4.83 4.54 -6.72
CA PHE A 154 -3.84 3.67 -6.08
C PHE A 154 -4.35 2.25 -6.12
N LEU A 155 -3.45 1.31 -6.37
CA LEU A 155 -3.78 -0.12 -6.32
C LEU A 155 -4.22 -0.53 -4.92
N MET A 156 -5.10 -1.52 -4.87
CA MET A 156 -5.34 -2.31 -3.65
C MET A 156 -4.03 -2.97 -3.20
N SER A 157 -3.92 -3.21 -1.89
CA SER A 157 -2.87 -4.05 -1.35
C SER A 157 -3.51 -4.93 -0.29
N TRP A 158 -2.92 -6.10 -0.05
CA TRP A 158 -3.43 -7.03 0.96
C TRP A 158 -2.26 -7.63 1.77
N VAL A 159 -2.52 -8.00 3.02
CA VAL A 159 -1.56 -8.82 3.76
C VAL A 159 -1.86 -10.31 3.50
N VAL A 160 -0.81 -11.11 3.24
CA VAL A 160 -0.97 -12.56 3.16
C VAL A 160 -0.05 -13.26 4.15
N GLU A 161 -0.61 -14.21 4.90
CA GLU A 161 0.17 -15.08 5.77
C GLU A 161 0.40 -16.35 4.97
N LEU A 162 1.68 -16.67 4.71
CA LEU A 162 2.03 -17.84 3.93
C LEU A 162 2.13 -19.06 4.83
N ILE A 163 0.96 -19.57 5.20
CA ILE A 163 0.80 -20.58 6.25
C ILE A 163 1.39 -21.96 5.95
N ASP A 164 1.77 -22.23 4.70
CA ASP A 164 2.39 -23.51 4.35
C ASP A 164 3.89 -23.51 4.61
N ARG A 165 4.47 -22.35 4.80
CA ARG A 165 5.92 -22.27 4.99
C ARG A 165 6.28 -22.42 6.46
N SER A 166 7.41 -23.06 6.75
CA SER A 166 7.94 -23.06 8.11
C SER A 166 8.35 -21.63 8.49
N PRO A 167 8.27 -21.29 9.79
CA PRO A 167 8.61 -19.91 10.22
C PRO A 167 10.06 -19.47 9.96
N SER A 168 10.94 -20.45 9.75
CA SER A 168 12.39 -20.21 9.71
C SER A 168 12.82 -19.29 10.87
N SER A 169 13.55 -18.22 10.56
CA SER A 169 13.81 -17.15 11.54
C SER A 169 14.63 -17.72 12.74
N ASN A 170 14.44 -17.35 14.03
CA ASN A 170 13.55 -16.34 14.63
C ASN A 170 12.17 -16.85 15.12
N GLY A 171 11.63 -17.85 14.43
CA GLY A 171 10.35 -18.48 14.82
C GLY A 171 9.09 -17.76 14.36
N GLN A 172 9.27 -16.57 13.78
CA GLN A 172 8.16 -15.74 13.30
C GLN A 172 7.53 -16.29 12.02
N PRO A 173 6.17 -16.38 11.97
CA PRO A 173 5.47 -16.87 10.77
C PRO A 173 5.76 -16.00 9.54
N ILE A 174 5.66 -16.57 8.33
CA ILE A 174 6.06 -15.85 7.13
C ILE A 174 4.89 -15.01 6.63
N LEU A 175 5.09 -13.70 6.60
CA LEU A 175 4.11 -12.77 6.05
C LEU A 175 4.64 -12.03 4.83
N CYS A 176 3.73 -11.49 4.04
CA CYS A 176 4.09 -10.70 2.88
C CYS A 176 2.93 -9.76 2.59
N SER A 177 3.10 -8.92 1.58
CA SER A 177 2.01 -8.16 1.01
C SER A 177 1.86 -8.57 -0.45
N ILE A 178 0.64 -8.43 -0.98
CA ILE A 178 0.36 -8.72 -2.37
C ILE A 178 -0.46 -7.56 -2.96
N GLU A 179 -0.38 -7.39 -4.29
CA GLU A 179 -0.97 -6.26 -5.02
C GLU A 179 -1.15 -6.69 -6.47
N PRO A 180 -2.03 -5.98 -7.21
CA PRO A 180 -2.16 -6.31 -8.63
C PRO A 180 -0.88 -6.02 -9.43
N LEU A 181 -0.73 -6.67 -10.58
CA LEU A 181 0.41 -6.41 -11.48
C LEU A 181 0.16 -5.18 -12.36
N LEU A 182 1.11 -4.26 -12.34
CA LEU A 182 1.08 -3.08 -13.21
C LEU A 182 1.69 -3.46 -14.56
N VAL A 183 0.95 -3.15 -15.62
CA VAL A 183 1.39 -3.46 -16.97
C VAL A 183 1.75 -2.13 -17.64
N GLY A 184 2.99 -2.02 -18.10
CA GLY A 184 3.51 -0.79 -18.70
C GLY A 184 4.81 -0.33 -18.06
N GLU A 185 5.22 0.88 -18.40
CA GLU A 185 6.48 1.45 -17.90
C GLU A 185 6.31 1.99 -16.49
N PHE A 186 6.96 1.34 -15.54
CA PHE A 186 6.90 1.75 -14.14
C PHE A 186 7.85 2.92 -13.96
N LYS A 187 7.33 4.00 -13.38
CA LYS A 187 8.11 5.23 -13.18
C LYS A 187 7.87 5.81 -11.79
N LYS A 188 8.96 6.19 -11.12
CA LYS A 188 8.91 6.93 -9.86
C LYS A 188 8.87 8.43 -10.14
N ASN A 189 7.88 9.12 -9.58
CA ASN A 189 7.74 10.57 -9.81
C ASN A 189 8.29 11.45 -8.70
N ASN A 190 8.14 11.01 -7.46
CA ASN A 190 8.91 11.60 -6.36
C ASN A 190 9.31 10.52 -5.37
N SER A 191 10.28 10.84 -4.52
CA SER A 191 10.72 9.92 -3.49
C SER A 191 10.06 10.29 -2.17
N ASN A 192 10.48 9.63 -1.09
CA ASN A 192 10.01 10.02 0.25
C ASN A 192 11.01 10.95 0.94
N TYR A 193 11.93 11.52 0.19
CA TYR A 193 12.89 12.44 0.78
C TYR A 193 13.32 13.57 -0.16
N GLY A 194 12.36 14.13 -0.88
CA GLY A 194 12.54 15.40 -1.59
C GLY A 194 12.89 15.33 -3.07
N ALA A 195 13.17 14.14 -3.58
CA ALA A 195 13.51 13.97 -5.00
C ALA A 195 12.27 14.17 -5.87
N VAL A 196 12.44 14.94 -6.94
CA VAL A 196 11.41 15.10 -7.95
C VAL A 196 12.01 14.48 -9.21
N LEU A 197 11.47 13.32 -9.58
CA LEU A 197 12.18 12.43 -10.51
C LEU A 197 11.67 12.48 -11.93
N THR A 198 10.47 13.02 -12.12
CA THR A 198 9.93 13.27 -13.45
C THR A 198 9.32 14.67 -13.50
N ASN A 199 9.05 15.14 -14.70
CA ASN A 199 8.52 16.50 -14.89
C ASN A 199 7.00 16.62 -14.92
N ARG A 200 6.32 15.51 -14.68
CA ARG A 200 4.85 15.52 -14.73
C ARG A 200 4.23 16.38 -13.60
N SER A 201 3.15 17.09 -13.94
CA SER A 201 2.42 17.91 -12.96
C SER A 201 1.62 17.11 -11.94
N THR A 202 0.85 16.14 -12.43
CA THR A 202 -0.15 15.46 -11.59
C THR A 202 0.42 14.85 -10.30
N PRO A 203 1.53 14.07 -10.38
CA PRO A 203 2.03 13.46 -9.14
C PRO A 203 2.46 14.49 -8.09
N GLN A 204 3.09 15.59 -8.52
CA GLN A 204 3.51 16.64 -7.56
C GLN A 204 2.32 17.45 -7.03
N ALA A 205 1.33 17.69 -7.86
CA ALA A 205 0.14 18.44 -7.44
C ALA A 205 -0.67 17.63 -6.42
N PHE A 206 -0.75 16.32 -6.63
CA PHE A 206 -1.41 15.44 -5.66
C PHE A 206 -0.68 15.47 -4.30
N SER A 207 0.63 15.30 -4.29
CA SER A 207 1.38 15.39 -3.03
C SER A 207 1.04 16.72 -2.31
N HIS A 208 1.13 17.83 -3.05
CA HIS A 208 0.81 19.12 -2.46
C HIS A 208 -0.64 19.19 -1.94
N PHE A 209 -1.58 18.68 -2.73
CA PHE A 209 -3.00 18.62 -2.35
C PHE A 209 -3.17 17.93 -0.99
N THR A 210 -2.49 16.79 -0.81
CA THR A 210 -2.65 16.04 0.45
C THR A 210 -2.13 16.83 1.64
N TYR A 211 -1.04 17.58 1.43
CA TYR A 211 -0.46 18.39 2.50
C TYR A 211 -1.39 19.52 2.92
N GLU A 212 -1.92 20.26 1.95
CA GLU A 212 -2.81 21.40 2.27
C GLU A 212 -4.15 20.97 2.87
N LEU A 213 -4.81 20.00 2.24
CA LEU A 213 -6.13 19.57 2.68
C LEU A 213 -6.13 18.80 4.00
N SER A 214 -4.98 18.26 4.38
CA SER A 214 -4.87 17.56 5.67
C SER A 214 -4.54 18.50 6.84
N ASN A 215 -4.61 19.81 6.59
CA ASN A 215 -4.12 20.82 7.54
C ASN A 215 -2.68 20.52 7.94
N LYS A 216 -1.89 20.10 6.95
CA LYS A 216 -0.45 19.83 7.13
C LYS A 216 -0.16 18.69 8.14
N GLN A 217 -1.14 17.83 8.34
CA GLN A 217 -1.00 16.71 9.28
C GLN A 217 -0.49 15.46 8.62
N MET A 218 -0.42 15.49 7.29
CA MET A 218 0.14 14.38 6.54
C MET A 218 0.47 14.81 5.14
N ILE A 219 1.32 14.03 4.49
CA ILE A 219 1.59 14.18 3.06
C ILE A 219 1.79 12.80 2.43
N VAL A 220 1.29 12.63 1.21
CA VAL A 220 1.53 11.41 0.45
C VAL A 220 2.59 11.69 -0.60
N VAL A 221 3.70 10.96 -0.51
CA VAL A 221 4.83 11.06 -1.46
C VAL A 221 5.21 9.63 -1.92
N ASP A 222 6.39 9.45 -2.52
CA ASP A 222 6.72 8.20 -3.22
C ASP A 222 5.61 7.86 -4.24
N ILE A 223 5.22 8.86 -5.04
CA ILE A 223 4.17 8.65 -6.04
C ILE A 223 4.81 7.97 -7.25
N GLN A 224 4.43 6.72 -7.46
CA GLN A 224 5.12 5.86 -8.40
C GLN A 224 4.15 4.87 -9.00
N GLY A 225 4.31 4.58 -10.30
CA GLY A 225 3.55 3.51 -10.93
C GLY A 225 3.54 3.66 -12.43
N VAL A 226 2.48 3.18 -13.06
CA VAL A 226 2.30 3.27 -14.51
C VAL A 226 1.24 4.33 -14.81
N ASP A 227 1.66 5.39 -15.51
CA ASP A 227 0.81 6.55 -15.75
C ASP A 227 0.25 7.05 -14.42
N ASP A 228 -1.07 7.09 -14.27
CA ASP A 228 -1.64 7.55 -12.99
C ASP A 228 -2.26 6.43 -12.14
N LEU A 229 -1.77 5.21 -12.35
CA LEU A 229 -2.10 4.06 -11.51
C LEU A 229 -0.90 3.78 -10.64
N TYR A 230 -1.02 4.11 -9.36
CA TYR A 230 0.15 4.19 -8.48
C TYR A 230 0.18 3.06 -7.47
N THR A 231 1.37 2.80 -6.92
CA THR A 231 1.51 1.83 -5.83
C THR A 231 2.69 2.18 -4.91
N ASP A 232 2.75 1.46 -3.78
CA ASP A 232 3.73 1.71 -2.72
C ASP A 232 4.03 3.19 -2.44
N PRO A 233 2.99 4.00 -2.17
CA PRO A 233 3.24 5.37 -1.74
C PRO A 233 3.73 5.40 -0.30
N GLN A 234 4.10 6.58 0.17
CA GLN A 234 4.54 6.74 1.56
C GLN A 234 3.97 8.01 2.15
N ILE A 235 3.47 7.90 3.39
CA ILE A 235 2.97 9.05 4.15
C ILE A 235 4.00 9.50 5.19
N HIS A 236 4.23 10.80 5.27
CA HIS A 236 4.92 11.41 6.41
C HIS A 236 3.88 12.12 7.27
N THR A 237 4.11 12.13 8.58
CA THR A 237 3.32 12.93 9.52
C THR A 237 4.31 13.71 10.36
N PRO A 238 3.91 14.88 10.88
CA PRO A 238 4.83 15.71 11.66
C PRO A 238 5.46 14.99 12.85
N ASP A 239 4.70 14.12 13.52
CA ASP A 239 5.24 13.40 14.69
C ASP A 239 6.01 12.13 14.34
N GLY A 240 5.95 11.73 13.06
CA GLY A 240 6.68 10.57 12.56
C GLY A 240 6.13 9.22 13.00
N LYS A 241 4.99 9.26 13.68
CA LYS A 241 4.40 8.06 14.25
C LYS A 241 3.51 7.35 13.24
N GLY A 242 3.57 6.02 13.25
CA GLY A 242 2.74 5.22 12.35
C GLY A 242 3.22 5.32 10.91
N PHE A 243 2.43 4.75 10.00
CA PHE A 243 2.73 4.75 8.57
C PHE A 243 4.08 4.15 8.18
N GLY A 244 4.52 3.15 8.93
CA GLY A 244 5.65 2.33 8.50
C GLY A 244 7.04 2.92 8.69
N LEU A 245 8.03 2.19 8.18
CA LEU A 245 9.44 2.54 8.33
C LEU A 245 9.83 3.83 7.61
N GLY A 246 9.12 4.12 6.52
CA GLY A 246 9.43 5.24 5.65
C GLY A 246 8.83 6.59 6.01
N ASN A 247 8.11 6.66 7.13
CA ASN A 247 7.57 7.93 7.68
C ASN A 247 8.71 8.70 8.31
N LEU A 248 9.21 9.71 7.60
CA LEU A 248 10.39 10.46 8.03
C LEU A 248 9.99 11.77 8.72
N GLY A 249 8.71 11.89 9.08
CA GLY A 249 8.24 12.99 9.92
C GLY A 249 8.37 14.37 9.31
N LYS A 250 8.54 15.36 10.18
CA LYS A 250 8.74 16.75 9.74
C LYS A 250 9.90 16.85 8.76
N ALA A 251 10.97 16.08 8.98
CA ALA A 251 12.12 16.13 8.07
C ALA A 251 11.75 15.73 6.64
N GLY A 252 10.91 14.71 6.51
CA GLY A 252 10.44 14.26 5.19
C GLY A 252 9.53 15.29 4.56
N ILE A 253 8.70 15.90 5.39
CA ILE A 253 7.78 16.95 4.93
C ILE A 253 8.57 18.15 4.40
N ASN A 254 9.52 18.64 5.19
CA ASN A 254 10.36 19.75 4.78
C ASN A 254 11.15 19.53 3.51
N LYS A 255 11.65 18.30 3.33
CA LYS A 255 12.35 17.93 2.10
C LYS A 255 11.46 18.06 0.87
N PHE A 256 10.21 17.62 0.99
CA PHE A 256 9.25 17.81 -0.09
C PHE A 256 9.05 19.29 -0.40
N ILE A 257 8.87 20.09 0.64
CA ILE A 257 8.67 21.53 0.49
C ILE A 257 9.85 22.21 -0.23
N THR A 258 11.07 21.82 0.12
CA THR A 258 12.26 22.48 -0.45
C THR A 258 12.32 22.40 -1.98
N THR A 259 11.90 21.26 -2.53
CA THR A 259 11.99 21.04 -3.99
C THR A 259 10.67 21.21 -4.77
N HIS A 260 9.55 21.38 -4.06
CA HIS A 260 8.25 21.49 -4.76
C HIS A 260 8.09 22.80 -5.52
N LYS A 261 7.84 22.69 -6.82
CA LYS A 261 7.46 23.85 -7.63
C LYS A 261 6.01 23.68 -8.05
N CYS A 262 5.16 24.64 -7.72
CA CYS A 262 3.76 24.54 -8.11
C CYS A 262 3.63 24.56 -9.63
N ASN A 263 2.66 23.81 -10.13
CA ASN A 263 2.49 23.62 -11.57
C ASN A 263 1.05 23.95 -11.96
N ALA A 264 0.68 23.66 -13.21
CA ALA A 264 -0.65 24.03 -13.72
C ALA A 264 -1.79 23.36 -12.96
N VAL A 265 -1.54 22.16 -12.42
CA VAL A 265 -2.56 21.42 -11.68
C VAL A 265 -2.74 22.01 -10.27
N CYS A 266 -1.62 22.34 -9.61
CA CYS A 266 -1.66 23.07 -8.35
C CYS A 266 -2.54 24.33 -8.47
N ALA A 267 -2.32 25.10 -9.53
CA ALA A 267 -3.06 26.35 -9.73
C ALA A 267 -4.56 26.09 -9.98
N LEU A 268 -4.87 25.07 -10.78
CA LEU A 268 -6.27 24.70 -11.05
C LEU A 268 -7.05 24.30 -9.79
N LEU A 269 -6.36 23.66 -8.84
CA LEU A 269 -6.94 23.26 -7.56
C LEU A 269 -6.86 24.38 -6.52
N ASP A 270 -6.32 25.53 -6.93
CA ASP A 270 -6.21 26.73 -6.07
C ASP A 270 -5.40 26.49 -4.79
N LEU A 271 -4.37 25.66 -4.89
CA LEU A 271 -3.50 25.37 -3.74
C LEU A 271 -2.66 26.61 -3.38
N ASP A 272 -2.43 26.80 -2.08
CA ASP A 272 -1.58 27.88 -1.56
C ASP A 272 -0.18 27.80 -2.17
N VAL A 273 0.35 28.93 -2.63
CA VAL A 273 1.70 28.96 -3.19
C VAL A 273 2.77 28.74 -2.11
N LYS A 274 2.46 29.09 -0.86
CA LYS A 274 3.38 28.83 0.24
C LYS A 274 2.94 27.61 1.03
N LEU A 275 3.85 26.66 1.18
CA LEU A 275 3.59 25.42 1.94
C LEU A 275 4.12 25.55 3.37
#